data_6S7G
#
_entry.id   6S7G
#
_cell.length_a   123.230
_cell.length_b   56.742
_cell.length_c   70.622
_cell.angle_alpha   90.000
_cell.angle_beta   90.000
_cell.angle_gamma   90.000
#
_symmetry.space_group_name_H-M   'P 21 21 2'
#
loop_
_entity.id
_entity.type
_entity.pdbx_description
1 polymer 'Fucose-binding lectin'
2 polymer SBL1
3 non-polymer 'CALCIUM ION'
4 non-polymer '3,7-anhydro-2,8-dideoxy-L-glycero-D-gluco-octonic acid'
5 water water
#
loop_
_entity_poly.entity_id
_entity_poly.type
_entity_poly.pdbx_seq_one_letter_code
_entity_poly.pdbx_strand_id
1 'polypeptide(L)'
;ATQGVFTLPANTRFGVTAFANSSGTQTVNVLVNNETAATFSGQSTNNAVIGTQVLNSGSSGKVQVQVSVNGRPSDLVSAQ
VILTNELNFALVGSEDGTDNDYNDAVVVINWPLG
;
A,B,C,D
2 'polypeptide(L)' KAKAC(NH2) F,G,H,E
#
loop_
_chem_comp.id
_chem_comp.type
_chem_comp.name
_chem_comp.formula
CA non-polymer 'CALCIUM ION' 'Ca 2'
NH2 non-polymer 'AMINO GROUP' 'H2 N'
ZDC D-saccharide '3,7-anhydro-2,8-dideoxy-L-glycero-D-gluco-octonic acid' 'C8 H14 O6'
#
# COMPACT_ATOMS: atom_id res chain seq x y z
N ALA A 1 3.61 -16.82 6.01
CA ALA A 1 4.40 -15.76 6.69
C ALA A 1 3.63 -15.21 7.88
N THR A 2 4.37 -14.73 8.88
CA THR A 2 3.75 -14.11 10.03
C THR A 2 2.95 -12.87 9.59
N GLN A 3 1.80 -12.66 10.22
CA GLN A 3 0.94 -11.54 9.92
C GLN A 3 0.50 -10.88 11.22
N GLY A 4 0.20 -9.59 11.14
CA GLY A 4 -0.26 -8.84 12.29
C GLY A 4 0.84 -8.38 13.24
N VAL A 5 2.10 -8.47 12.83
CA VAL A 5 3.23 -8.03 13.64
C VAL A 5 3.87 -6.83 12.94
N PHE A 6 4.04 -5.74 13.69
CA PHE A 6 4.57 -4.51 13.13
C PHE A 6 5.63 -3.94 14.05
N THR A 7 6.70 -3.42 13.46
CA THR A 7 7.75 -2.73 14.20
C THR A 7 7.52 -1.22 14.07
N LEU A 8 7.16 -0.60 15.17
CA LEU A 8 7.02 0.84 15.24
C LEU A 8 8.28 1.45 15.82
N PRO A 9 8.49 2.75 15.64
CA PRO A 9 9.54 3.42 16.39
C PRO A 9 9.26 3.32 17.88
N ALA A 10 10.32 3.26 18.66
CA ALA A 10 10.18 3.07 20.11
C ALA A 10 9.45 4.25 20.74
N ASN A 11 8.66 3.95 21.77
CA ASN A 11 8.06 4.97 22.64
C ASN A 11 7.15 5.93 21.87
N THR A 12 6.48 5.44 20.84
CA THR A 12 5.65 6.26 19.98
C THR A 12 4.18 6.02 20.26
N ARG A 13 3.42 7.11 20.40
CA ARG A 13 1.96 7.01 20.48
C ARG A 13 1.40 6.56 19.14
N PHE A 14 0.49 5.60 19.18
CA PHE A 14 -0.21 5.15 17.98
C PHE A 14 -1.65 4.84 18.33
N GLY A 15 -2.54 5.07 17.37
CA GLY A 15 -3.93 4.69 17.53
C GLY A 15 -4.15 3.27 17.03
N VAL A 16 -5.12 2.60 17.64
CA VAL A 16 -5.54 1.28 17.18
C VAL A 16 -7.05 1.21 17.26
N THR A 17 -7.68 0.76 16.17
CA THR A 17 -9.13 0.78 16.04
C THR A 17 -9.57 -0.51 15.34
N ALA A 18 -10.65 -1.10 15.83
CA ALA A 18 -11.13 -2.38 15.33
C ALA A 18 -12.58 -2.26 14.88
N PHE A 19 -12.90 -2.90 13.75
CA PHE A 19 -14.25 -2.96 13.21
C PHE A 19 -14.68 -4.41 13.08
N ALA A 20 -15.97 -4.67 13.24
CA ALA A 20 -16.51 -6.03 13.21
C ALA A 20 -17.48 -6.19 12.05
N ASN A 21 -17.39 -7.35 11.39
CA ASN A 21 -18.24 -7.70 10.24
C ASN A 21 -18.40 -9.22 10.22
N SER A 22 -19.17 -9.72 11.19
CA SER A 22 -19.37 -11.16 11.35
C SER A 22 -20.46 -11.41 12.37
N SER A 23 -21.15 -12.54 12.24
CA SER A 23 -22.12 -12.95 13.24
C SER A 23 -21.44 -13.40 14.53
N GLY A 24 -20.15 -13.70 14.49
CA GLY A 24 -19.42 -14.13 15.68
C GLY A 24 -18.81 -12.94 16.41
N THR A 25 -18.82 -13.04 17.74
CA THR A 25 -18.19 -12.01 18.55
C THR A 25 -16.68 -12.03 18.32
N GLN A 26 -16.12 -10.85 18.06
CA GLN A 26 -14.70 -10.71 17.75
C GLN A 26 -13.94 -10.31 19.01
N THR A 27 -12.83 -10.99 19.27
CA THR A 27 -11.92 -10.65 20.36
C THR A 27 -10.59 -10.21 19.74
N VAL A 28 -10.25 -8.94 19.91
CA VAL A 28 -9.02 -8.37 19.38
C VAL A 28 -8.10 -8.06 20.56
N ASN A 29 -6.91 -8.66 20.54
CA ASN A 29 -5.88 -8.39 21.53
C ASN A 29 -4.74 -7.65 20.86
N VAL A 30 -4.27 -6.58 21.48
CA VAL A 30 -3.14 -5.80 21.00
C VAL A 30 -2.00 -5.98 21.99
N LEU A 31 -0.87 -6.49 21.50
CA LEU A 31 0.28 -6.78 22.33
C LEU A 31 1.38 -5.77 22.03
N VAL A 32 1.98 -5.22 23.08
CA VAL A 32 3.16 -4.37 22.97
C VAL A 32 4.28 -5.03 23.76
N ASN A 33 5.40 -5.28 23.09
CA ASN A 33 6.53 -5.96 23.71
C ASN A 33 6.10 -7.30 24.31
N ASN A 34 5.20 -7.98 23.60
CA ASN A 34 4.73 -9.33 23.93
C ASN A 34 3.80 -9.36 25.13
N GLU A 35 3.27 -8.21 25.56
CA GLU A 35 2.31 -8.16 26.66
C GLU A 35 1.03 -7.50 26.17
N THR A 36 -0.10 -8.01 26.66
CA THR A 36 -1.39 -7.46 26.28
C THR A 36 -1.52 -6.02 26.78
N ALA A 37 -1.75 -5.10 25.84
CA ALA A 37 -1.94 -3.69 26.15
C ALA A 37 -3.36 -3.20 25.95
N ALA A 38 -4.15 -3.88 25.13
CA ALA A 38 -5.54 -3.51 24.92
C ALA A 38 -6.30 -4.72 24.43
N THR A 39 -7.57 -4.80 24.81
CA THR A 39 -8.47 -5.88 24.39
C THR A 39 -9.80 -5.27 23.97
N PHE A 40 -10.24 -5.62 22.77
CA PHE A 40 -11.53 -5.19 22.25
C PHE A 40 -12.42 -6.41 22.06
N SER A 41 -13.71 -6.25 22.36
CA SER A 41 -14.69 -7.31 22.16
C SER A 41 -16.00 -6.71 21.71
N GLY A 42 -16.59 -7.30 20.68
CA GLY A 42 -17.85 -6.82 20.17
C GLY A 42 -18.29 -7.65 18.98
N GLN A 43 -19.58 -7.52 18.66
CA GLN A 43 -20.18 -8.23 17.54
C GLN A 43 -20.95 -7.23 16.68
N SER A 44 -20.77 -7.34 15.36
CA SER A 44 -21.50 -6.50 14.43
C SER A 44 -21.33 -7.07 13.03
N THR A 45 -22.38 -6.92 12.22
CA THR A 45 -22.30 -7.17 10.79
C THR A 45 -22.38 -5.89 9.97
N ASN A 46 -22.21 -4.73 10.62
CA ASN A 46 -22.30 -3.44 9.96
C ASN A 46 -21.09 -2.55 10.29
N ASN A 47 -19.93 -3.18 10.50
CA ASN A 47 -18.66 -2.46 10.60
C ASN A 47 -18.62 -1.54 11.82
N ALA A 48 -19.33 -1.90 12.88
CA ALA A 48 -19.29 -1.09 14.10
C ALA A 48 -17.89 -1.09 14.68
N VAL A 49 -17.50 0.03 15.27
CA VAL A 49 -16.23 0.13 15.98
C VAL A 49 -16.41 -0.59 17.31
N ILE A 50 -15.77 -1.75 17.45
CA ILE A 50 -15.81 -2.47 18.72
C ILE A 50 -14.74 -1.99 19.68
N GLY A 51 -13.82 -1.15 19.22
CA GLY A 51 -12.82 -0.57 20.10
C GLY A 51 -11.90 0.41 19.42
N THR A 52 -11.47 1.44 20.14
CA THR A 52 -10.49 2.40 19.65
C THR A 52 -9.74 2.95 20.84
N GLN A 53 -8.42 3.09 20.68
CA GLN A 53 -7.58 3.43 21.82
C GLN A 53 -6.24 3.97 21.34
N VAL A 54 -5.59 4.71 22.23
CA VAL A 54 -4.24 5.22 22.01
C VAL A 54 -3.30 4.43 22.92
N LEU A 55 -2.29 3.82 22.33
CA LEU A 55 -1.27 3.08 23.07
C LEU A 55 0.11 3.67 22.78
N ASN A 56 1.10 3.16 23.50
CA ASN A 56 2.50 3.54 23.30
C ASN A 56 3.29 2.29 22.92
N SER A 57 4.13 2.42 21.89
CA SER A 57 4.87 1.28 21.38
C SER A 57 5.98 0.80 22.31
N GLY A 58 6.28 1.53 23.38
CA GLY A 58 7.24 1.06 24.35
C GLY A 58 8.67 1.04 23.82
N SER A 59 9.55 0.46 24.64
CA SER A 59 10.98 0.48 24.34
C SER A 59 11.33 -0.40 23.15
N SER A 60 10.54 -1.43 22.88
CA SER A 60 10.85 -2.37 21.80
C SER A 60 10.24 -1.96 20.47
N GLY A 61 9.13 -1.23 20.49
CA GLY A 61 8.43 -0.89 19.29
C GLY A 61 7.65 -2.03 18.66
N LYS A 62 7.68 -3.22 19.26
CA LYS A 62 6.97 -4.37 18.69
C LYS A 62 5.50 -4.29 19.04
N VAL A 63 4.65 -4.28 18.02
CA VAL A 63 3.20 -4.28 18.17
C VAL A 63 2.65 -5.47 17.41
N GLN A 64 1.82 -6.27 18.08
CA GLN A 64 1.21 -7.44 17.48
C GLN A 64 -0.29 -7.42 17.71
N VAL A 65 -1.05 -7.74 16.65
CA VAL A 65 -2.49 -7.83 16.70
C VAL A 65 -2.89 -9.29 16.63
N GLN A 66 -3.75 -9.72 17.54
CA GLN A 66 -4.29 -11.06 17.55
C GLN A 66 -5.81 -11.00 17.57
N VAL A 67 -6.46 -11.87 16.80
CA VAL A 67 -7.90 -11.92 16.70
C VAL A 67 -8.35 -13.36 16.96
N SER A 68 -9.36 -13.52 17.80
CA SER A 68 -9.95 -14.81 18.07
C SER A 68 -11.46 -14.66 18.14
N VAL A 69 -12.17 -15.74 17.79
CA VAL A 69 -13.62 -15.80 17.85
C VAL A 69 -14.00 -17.04 18.65
N ASN A 70 -14.62 -16.84 19.80
CA ASN A 70 -14.99 -17.95 20.68
C ASN A 70 -13.78 -18.82 20.99
N GLY A 71 -12.65 -18.16 21.26
CA GLY A 71 -11.43 -18.84 21.64
C GLY A 71 -10.62 -19.39 20.49
N ARG A 72 -11.11 -19.29 19.25
CA ARG A 72 -10.40 -19.83 18.10
C ARG A 72 -9.62 -18.71 17.41
N PRO A 73 -8.30 -18.82 17.28
CA PRO A 73 -7.56 -17.78 16.54
C PRO A 73 -8.05 -17.67 15.11
N SER A 74 -8.20 -16.43 14.64
CA SER A 74 -8.58 -16.18 13.26
C SER A 74 -7.34 -16.08 12.38
N ASP A 75 -7.50 -16.38 11.10
CA ASP A 75 -6.43 -16.24 10.13
C ASP A 75 -6.29 -14.76 9.77
N LEU A 76 -5.06 -14.26 9.77
CA LEU A 76 -4.79 -12.84 9.62
C LEU A 76 -4.09 -12.54 8.29
N VAL A 77 -4.44 -11.39 7.73
CA VAL A 77 -3.69 -10.76 6.64
C VAL A 77 -3.33 -9.36 7.10
N SER A 78 -2.17 -8.88 6.68
CA SER A 78 -1.69 -7.60 7.19
C SER A 78 -0.71 -6.97 6.21
N ALA A 79 -0.50 -5.68 6.38
CA ALA A 79 0.48 -4.93 5.62
C ALA A 79 0.58 -3.54 6.23
N GLN A 80 1.70 -2.88 5.98
CA GLN A 80 1.95 -1.52 6.45
C GLN A 80 2.15 -0.62 5.24
N VAL A 81 1.57 0.58 5.29
CA VAL A 81 1.62 1.51 4.17
C VAL A 81 2.00 2.89 4.71
N ILE A 82 2.89 3.56 3.98
CA ILE A 82 3.44 4.85 4.39
C ILE A 82 3.17 5.85 3.28
N LEU A 83 2.52 6.96 3.63
CA LEU A 83 2.21 8.01 2.68
C LEU A 83 3.08 9.24 2.93
N THR A 84 3.56 9.84 1.85
CA THR A 84 4.49 10.96 1.86
C THR A 84 5.59 10.78 2.90
N ASN A 85 6.05 9.54 3.07
CA ASN A 85 7.21 9.22 3.91
C ASN A 85 7.00 9.63 5.36
N GLU A 86 5.75 9.66 5.81
CA GLU A 86 5.43 10.28 7.09
C GLU A 86 4.26 9.60 7.79
N LEU A 87 3.16 9.40 7.06
CA LEU A 87 1.92 8.90 7.63
C LEU A 87 1.88 7.38 7.49
N ASN A 88 1.78 6.68 8.62
CA ASN A 88 1.88 5.23 8.66
C ASN A 88 0.54 4.60 8.99
N PHE A 89 0.19 3.57 8.23
CA PHE A 89 -0.95 2.70 8.54
C PHE A 89 -0.43 1.26 8.65
N ALA A 90 -0.80 0.59 9.73
CA ALA A 90 -0.60 -0.84 9.86
C ALA A 90 -1.98 -1.50 9.84
N LEU A 91 -2.22 -2.33 8.83
CA LEU A 91 -3.55 -2.81 8.49
C LEU A 91 -3.65 -4.31 8.73
N VAL A 92 -4.80 -4.74 9.28
CA VAL A 92 -5.03 -6.14 9.59
C VAL A 92 -6.44 -6.52 9.20
N GLY A 93 -6.57 -7.65 8.50
CA GLY A 93 -7.84 -8.29 8.26
C GLY A 93 -7.84 -9.66 8.89
N SER A 94 -9.01 -10.25 9.11
CA SER A 94 -9.08 -11.54 9.76
C SER A 94 -10.29 -12.31 9.25
N GLU A 95 -10.17 -13.63 9.22
CA GLU A 95 -11.22 -14.52 8.74
C GLU A 95 -11.50 -15.56 9.81
N ASP A 96 -12.76 -15.64 10.26
CA ASP A 96 -13.17 -16.58 11.29
C ASP A 96 -13.94 -17.77 10.75
N GLY A 97 -14.26 -17.79 9.46
CA GLY A 97 -15.09 -18.83 8.90
C GLY A 97 -14.55 -19.38 7.60
N THR A 98 -15.42 -19.55 6.62
CA THR A 98 -15.06 -20.20 5.36
C THR A 98 -15.33 -19.36 4.12
N ASP A 99 -15.91 -18.17 4.26
CA ASP A 99 -16.23 -17.35 3.09
C ASP A 99 -15.07 -16.48 2.65
N ASN A 100 -14.05 -16.31 3.50
CA ASN A 100 -12.81 -15.65 3.11
C ASN A 100 -13.04 -14.21 2.63
N ASP A 101 -13.90 -13.48 3.33
CA ASP A 101 -13.98 -12.03 3.10
C ASP A 101 -12.99 -11.26 3.95
N TYR A 102 -12.44 -11.88 5.00
CA TYR A 102 -11.33 -11.33 5.78
C TYR A 102 -11.63 -9.94 6.33
N ASN A 103 -12.91 -9.68 6.59
CA ASN A 103 -13.34 -8.45 7.24
C ASN A 103 -13.93 -8.70 8.61
N ASP A 104 -13.94 -9.95 9.08
CA ASP A 104 -14.67 -10.30 10.30
C ASP A 104 -14.24 -9.44 11.47
N ALA A 105 -12.94 -9.21 11.61
CA ALA A 105 -12.40 -8.14 12.42
C ALA A 105 -11.39 -7.38 11.57
N VAL A 106 -11.56 -6.07 11.47
CA VAL A 106 -10.65 -5.20 10.72
C VAL A 106 -10.01 -4.26 11.71
N VAL A 107 -8.68 -4.24 11.74
CA VAL A 107 -7.92 -3.45 12.71
C VAL A 107 -7.02 -2.48 11.95
N VAL A 108 -7.11 -1.20 12.31
CA VAL A 108 -6.31 -0.15 11.70
C VAL A 108 -5.47 0.48 12.79
N ILE A 109 -4.15 0.47 12.59
CA ILE A 109 -3.19 1.16 13.45
C ILE A 109 -2.62 2.33 12.66
N ASN A 110 -2.55 3.50 13.29
CA ASN A 110 -2.07 4.68 12.59
C ASN A 110 -1.17 5.50 13.52
N TRP A 111 -0.15 6.11 12.91
CA TRP A 111 0.75 7.02 13.60
C TRP A 111 1.49 7.83 12.54
N PRO A 112 2.07 8.98 12.91
CA PRO A 112 2.08 9.57 14.26
C PRO A 112 0.73 10.19 14.64
N LEU A 113 0.57 10.49 15.93
CA LEU A 113 -0.61 11.17 16.44
C LEU A 113 -0.25 12.60 16.81
N GLY A 114 -1.26 13.36 17.21
CA GLY A 114 -1.05 14.72 17.69
C GLY A 114 -1.02 15.78 16.61
N ALA B 1 1.67 17.40 -1.43
CA ALA B 1 2.67 16.76 -0.52
C ALA B 1 3.87 16.27 -1.32
N THR B 2 5.03 16.24 -0.67
CA THR B 2 6.23 15.70 -1.31
C THR B 2 6.00 14.25 -1.69
N GLN B 3 6.44 13.89 -2.90
CA GLN B 3 6.33 12.52 -3.40
C GLN B 3 7.69 12.08 -3.91
N GLY B 4 7.91 10.76 -3.87
CA GLY B 4 9.15 10.20 -4.38
C GLY B 4 10.33 10.26 -3.44
N VAL B 5 10.10 10.57 -2.16
CA VAL B 5 11.16 10.62 -1.15
C VAL B 5 10.88 9.53 -0.13
N PHE B 6 11.91 8.76 0.21
CA PHE B 6 11.78 7.63 1.11
C PHE B 6 12.96 7.56 2.06
N THR B 7 12.69 7.21 3.31
CA THR B 7 13.73 6.96 4.30
C THR B 7 13.93 5.46 4.39
N LEU B 8 15.10 4.99 3.99
CA LEU B 8 15.50 3.61 4.13
C LEU B 8 16.38 3.44 5.36
N PRO B 9 16.55 2.21 5.86
CA PRO B 9 17.60 1.98 6.84
C PRO B 9 18.96 2.33 6.26
N ALA B 10 19.84 2.83 7.11
CA ALA B 10 21.15 3.29 6.66
C ALA B 10 22.00 2.11 6.17
N ASN B 11 22.95 2.42 5.29
CA ASN B 11 23.93 1.45 4.81
C ASN B 11 23.26 0.16 4.32
N THR B 12 22.13 0.30 3.64
CA THR B 12 21.36 -0.84 3.17
C THR B 12 21.33 -0.83 1.65
N ARG B 13 21.61 -1.99 1.05
CA ARG B 13 21.51 -2.12 -0.39
C ARG B 13 20.05 -2.24 -0.79
N PHE B 14 19.68 -1.54 -1.86
CA PHE B 14 18.34 -1.62 -2.41
C PHE B 14 18.43 -1.64 -3.93
N GLY B 15 17.40 -2.18 -4.55
CA GLY B 15 17.27 -2.18 -6.00
C GLY B 15 16.37 -1.05 -6.44
N VAL B 16 16.69 -0.44 -7.58
CA VAL B 16 15.84 0.56 -8.20
C VAL B 16 15.71 0.21 -9.68
N THR B 17 14.47 0.25 -10.18
CA THR B 17 14.15 -0.23 -11.53
C THR B 17 13.07 0.67 -12.11
N ALA B 18 13.30 1.10 -13.35
CA ALA B 18 12.42 2.06 -14.02
C ALA B 18 11.82 1.42 -15.27
N PHE B 19 10.51 1.61 -15.44
CA PHE B 19 9.81 1.23 -16.66
C PHE B 19 9.25 2.49 -17.33
N ALA B 20 9.15 2.44 -18.65
CA ALA B 20 8.67 3.57 -19.44
C ALA B 20 7.39 3.20 -20.18
N ASN B 21 6.45 4.16 -20.25
CA ASN B 21 5.18 4.02 -20.96
C ASN B 21 4.79 5.42 -21.46
N SER B 22 5.52 5.91 -22.45
CA SER B 22 5.31 7.26 -22.94
C SER B 22 6.06 7.45 -24.24
N SER B 23 5.53 8.32 -25.10
CA SER B 23 6.27 8.74 -26.28
C SER B 23 7.46 9.61 -25.91
N GLY B 24 7.47 10.17 -24.69
CA GLY B 24 8.56 11.04 -24.28
C GLY B 24 9.69 10.24 -23.67
N THR B 25 10.92 10.67 -23.94
CA THR B 25 12.09 10.07 -23.33
C THR B 25 12.12 10.39 -21.85
N GLN B 26 12.17 9.36 -21.02
CA GLN B 26 12.13 9.52 -19.56
C GLN B 26 13.56 9.58 -19.02
N THR B 27 13.84 10.58 -18.20
CA THR B 27 15.09 10.67 -17.47
C THR B 27 14.79 10.49 -15.99
N VAL B 28 15.24 9.38 -15.42
CA VAL B 28 15.01 9.04 -14.02
C VAL B 28 16.31 9.25 -13.28
N ASN B 29 16.27 10.11 -12.27
CA ASN B 29 17.40 10.40 -11.40
C ASN B 29 17.11 9.84 -10.01
N VAL B 30 18.02 9.03 -9.49
CA VAL B 30 17.88 8.44 -8.16
C VAL B 30 18.94 9.07 -7.27
N LEU B 31 18.51 9.87 -6.30
CA LEU B 31 19.40 10.56 -5.39
C LEU B 31 19.46 9.83 -4.06
N VAL B 32 20.68 9.70 -3.54
CA VAL B 32 20.92 9.11 -2.23
C VAL B 32 21.62 10.17 -1.40
N ASN B 33 21.02 10.52 -0.26
CA ASN B 33 21.55 11.58 0.58
C ASN B 33 21.77 12.85 -0.24
N ASN B 34 20.78 13.18 -1.05
CA ASN B 34 20.68 14.42 -1.82
C ASN B 34 21.67 14.49 -2.98
N GLU B 35 22.32 13.39 -3.33
CA GLU B 35 23.25 13.37 -4.45
C GLU B 35 22.91 12.21 -5.38
N THR B 36 23.05 12.45 -6.68
CA THR B 36 22.68 11.45 -7.68
C THR B 36 23.55 10.20 -7.53
N ALA B 37 22.89 9.05 -7.37
CA ALA B 37 23.56 7.76 -7.33
C ALA B 37 23.36 6.96 -8.61
N ALA B 38 22.25 7.17 -9.32
CA ALA B 38 21.99 6.48 -10.57
C ALA B 38 21.12 7.37 -11.46
N THR B 39 21.30 7.24 -12.77
CA THR B 39 20.49 7.97 -13.73
C THR B 39 20.12 7.02 -14.87
N PHE B 40 18.84 6.99 -15.21
CA PHE B 40 18.33 6.20 -16.33
C PHE B 40 17.72 7.12 -17.36
N SER B 41 17.94 6.79 -18.64
CA SER B 41 17.32 7.53 -19.73
C SER B 41 16.87 6.53 -20.78
N GLY B 42 15.57 6.50 -21.08
CA GLY B 42 15.03 5.57 -22.05
C GLY B 42 13.64 5.98 -22.50
N GLN B 43 13.19 5.34 -23.57
CA GLN B 43 11.88 5.63 -24.14
C GLN B 43 11.20 4.33 -24.53
N SER B 44 9.93 4.20 -24.15
CA SER B 44 9.14 3.02 -24.48
C SER B 44 7.68 3.34 -24.21
N THR B 45 6.80 2.77 -25.04
CA THR B 45 5.37 2.81 -24.78
C THR B 45 4.83 1.42 -24.44
N ASN B 46 5.69 0.49 -24.03
CA ASN B 46 5.26 -0.86 -23.69
C ASN B 46 6.00 -1.40 -22.48
N ASN B 47 6.36 -0.54 -21.54
CA ASN B 47 6.83 -0.95 -20.21
C ASN B 47 8.24 -1.51 -20.24
N ALA B 48 9.06 -1.09 -21.19
CA ALA B 48 10.44 -1.58 -21.25
C ALA B 48 11.22 -1.11 -20.02
N VAL B 49 12.08 -1.98 -19.52
CA VAL B 49 12.98 -1.62 -18.43
C VAL B 49 14.05 -0.70 -19.00
N ILE B 50 14.01 0.58 -18.62
CA ILE B 50 15.01 1.54 -19.08
C ILE B 50 16.19 1.63 -18.11
N GLY B 51 16.13 0.95 -16.97
CA GLY B 51 17.24 0.92 -16.06
C GLY B 51 16.95 0.11 -14.81
N THR B 52 17.97 -0.53 -14.27
CA THR B 52 17.87 -1.24 -12.99
C THR B 52 19.26 -1.28 -12.38
N GLN B 53 19.32 -1.13 -11.06
CA GLN B 53 20.60 -0.96 -10.40
C GLN B 53 20.47 -1.27 -8.92
N VAL B 54 21.54 -1.77 -8.33
CA VAL B 54 21.66 -1.93 -6.88
C VAL B 54 22.45 -0.75 -6.35
N LEU B 55 21.88 -0.04 -5.39
CA LEU B 55 22.50 1.09 -4.74
C LEU B 55 22.58 0.85 -3.24
N ASN B 56 23.39 1.66 -2.56
CA ASN B 56 23.51 1.64 -1.11
C ASN B 56 22.89 2.90 -0.54
N SER B 57 22.01 2.73 0.46
CA SER B 57 21.29 3.87 1.03
C SER B 57 22.21 4.82 1.78
N GLY B 58 23.40 4.39 2.18
CA GLY B 58 24.39 5.30 2.73
C GLY B 58 24.10 5.71 4.17
N SER B 59 24.59 6.90 4.52
CA SER B 59 24.71 7.28 5.92
C SER B 59 23.36 7.60 6.55
N SER B 60 22.49 8.32 5.83
CA SER B 60 21.21 8.74 6.38
C SER B 60 20.02 8.01 5.78
N GLY B 61 20.22 7.25 4.71
CA GLY B 61 19.14 6.46 4.14
C GLY B 61 18.09 7.24 3.39
N LYS B 62 18.30 8.53 3.12
CA LYS B 62 17.37 9.30 2.33
C LYS B 62 17.51 8.93 0.86
N VAL B 63 16.41 8.50 0.23
CA VAL B 63 16.38 8.17 -1.19
C VAL B 63 15.29 8.99 -1.84
N GLN B 64 15.62 9.63 -2.97
CA GLN B 64 14.67 10.45 -3.71
C GLN B 64 14.71 10.08 -5.19
N VAL B 65 13.52 10.00 -5.78
CA VAL B 65 13.36 9.72 -7.21
C VAL B 65 12.85 10.97 -7.89
N GLN B 66 13.54 11.38 -8.95
CA GLN B 66 13.12 12.50 -9.78
C GLN B 66 12.95 12.01 -11.22
N VAL B 67 11.95 12.55 -11.91
CA VAL B 67 11.64 12.18 -13.28
C VAL B 67 11.44 13.45 -14.08
N SER B 68 12.04 13.53 -15.26
CA SER B 68 11.87 14.67 -16.13
C SER B 68 11.81 14.19 -17.58
N VAL B 69 11.12 14.97 -18.40
CA VAL B 69 10.97 14.69 -19.82
C VAL B 69 11.28 15.99 -20.56
N ASN B 70 12.34 15.98 -21.37
CA ASN B 70 12.77 17.17 -22.09
C ASN B 70 13.02 18.33 -21.13
N GLY B 71 13.61 18.03 -19.97
CA GLY B 71 13.94 19.03 -18.99
C GLY B 71 12.80 19.44 -18.07
N ARG B 72 11.57 19.00 -18.33
CA ARG B 72 10.42 19.38 -17.51
C ARG B 72 10.18 18.32 -16.44
N PRO B 73 10.10 18.69 -15.15
CA PRO B 73 9.84 17.68 -14.12
C PRO B 73 8.42 17.14 -14.22
N SER B 74 8.29 15.82 -14.16
CA SER B 74 6.98 15.19 -14.17
C SER B 74 6.33 15.26 -12.79
N ASP B 75 5.01 15.10 -12.76
CA ASP B 75 4.27 15.07 -11.52
C ASP B 75 4.30 13.65 -10.95
N LEU B 76 4.69 13.53 -9.69
CA LEU B 76 4.97 12.23 -9.09
C LEU B 76 3.86 11.82 -8.12
N VAL B 77 3.60 10.51 -8.07
CA VAL B 77 2.83 9.89 -7.00
C VAL B 77 3.66 8.76 -6.44
N SER B 78 3.56 8.54 -5.14
CA SER B 78 4.41 7.55 -4.50
C SER B 78 3.77 7.03 -3.22
N ALA B 79 4.25 5.86 -2.79
CA ALA B 79 3.93 5.28 -1.50
C ALA B 79 4.92 4.17 -1.22
N GLN B 80 4.99 3.78 0.05
CA GLN B 80 5.83 2.67 0.49
C GLN B 80 4.94 1.62 1.14
N VAL B 81 5.28 0.35 0.95
CA VAL B 81 4.49 -0.76 1.47
C VAL B 81 5.43 -1.81 2.03
N ILE B 82 5.06 -2.39 3.17
CA ILE B 82 5.87 -3.37 3.86
C ILE B 82 5.04 -4.62 4.06
N LEU B 83 5.59 -5.77 3.66
CA LEU B 83 4.93 -7.05 3.79
C LEU B 83 5.65 -7.92 4.81
N THR B 84 4.86 -8.65 5.60
CA THR B 84 5.34 -9.46 6.72
C THR B 84 6.43 -8.74 7.51
N ASN B 85 6.29 -7.42 7.65
CA ASN B 85 7.15 -6.62 8.52
C ASN B 85 8.62 -6.72 8.14
N GLU B 86 8.91 -6.97 6.86
CA GLU B 86 10.30 -7.21 6.48
C GLU B 86 10.60 -6.84 5.03
N LEU B 87 9.67 -7.08 4.10
CA LEU B 87 9.90 -6.84 2.69
C LEU B 87 9.32 -5.49 2.29
N ASN B 88 10.15 -4.64 1.69
CA ASN B 88 9.82 -3.24 1.45
C ASN B 88 9.74 -2.94 -0.03
N PHE B 89 8.67 -2.25 -0.43
CA PHE B 89 8.53 -1.69 -1.76
C PHE B 89 8.30 -0.19 -1.63
N ALA B 90 9.10 0.61 -2.32
CA ALA B 90 8.86 2.03 -2.47
C ALA B 90 8.51 2.29 -3.92
N LEU B 91 7.32 2.84 -4.16
CA LEU B 91 6.72 2.89 -5.48
C LEU B 91 6.60 4.32 -5.95
N VAL B 92 6.83 4.53 -7.25
CA VAL B 92 6.74 5.87 -7.84
C VAL B 92 6.08 5.76 -9.21
N GLY B 93 5.13 6.66 -9.46
CA GLY B 93 4.58 6.86 -10.78
C GLY B 93 4.80 8.29 -11.19
N SER B 94 4.65 8.60 -12.48
CA SER B 94 4.93 9.95 -12.94
C SER B 94 4.11 10.24 -14.18
N GLU B 95 3.68 11.50 -14.31
CA GLU B 95 2.89 11.96 -15.43
C GLU B 95 3.64 13.10 -16.11
N ASP B 96 3.89 12.95 -17.41
CA ASP B 96 4.60 13.95 -18.18
C ASP B 96 3.69 14.75 -19.10
N GLY B 97 2.40 14.42 -19.15
CA GLY B 97 1.49 15.09 -20.07
C GLY B 97 0.14 15.42 -19.46
N THR B 98 -0.94 15.10 -20.19
CA THR B 98 -2.28 15.52 -19.80
C THR B 98 -3.27 14.36 -19.64
N ASP B 99 -2.88 13.12 -19.96
CA ASP B 99 -3.83 12.02 -19.86
C ASP B 99 -3.91 11.42 -18.46
N ASN B 100 -2.98 11.77 -17.57
CA ASN B 100 -3.05 11.40 -16.17
C ASN B 100 -3.10 9.88 -15.97
N ASP B 101 -2.34 9.14 -16.77
CA ASP B 101 -2.18 7.71 -16.50
C ASP B 101 -1.05 7.44 -15.52
N TYR B 102 -0.14 8.39 -15.34
CA TYR B 102 0.90 8.33 -14.30
C TYR B 102 1.75 7.06 -14.41
N ASN B 103 1.89 6.54 -15.62
CA ASN B 103 2.77 5.41 -15.88
C ASN B 103 3.94 5.78 -16.79
N ASP B 104 4.09 7.06 -17.11
CA ASP B 104 5.06 7.46 -18.14
C ASP B 104 6.47 7.03 -17.76
N ALA B 105 6.82 7.18 -16.49
CA ALA B 105 7.95 6.47 -15.90
C ALA B 105 7.46 5.87 -14.59
N VAL B 106 7.61 4.56 -14.45
CA VAL B 106 7.27 3.85 -13.22
C VAL B 106 8.58 3.36 -12.61
N VAL B 107 8.77 3.65 -11.32
CA VAL B 107 9.99 3.28 -10.61
C VAL B 107 9.62 2.44 -9.40
N VAL B 108 10.28 1.30 -9.25
CA VAL B 108 10.08 0.40 -8.13
C VAL B 108 11.40 0.25 -7.41
N ILE B 109 11.39 0.55 -6.11
CA ILE B 109 12.52 0.32 -5.22
C ILE B 109 12.15 -0.82 -4.29
N ASN B 110 13.08 -1.75 -4.09
CA ASN B 110 12.81 -2.89 -3.23
C ASN B 110 14.03 -3.21 -2.37
N TRP B 111 13.77 -3.58 -1.12
CA TRP B 111 14.81 -4.03 -0.21
C TRP B 111 14.15 -4.88 0.87
N PRO B 112 14.92 -5.73 1.57
CA PRO B 112 16.36 -5.97 1.41
C PRO B 112 16.71 -6.82 0.20
N LEU B 113 18.00 -6.88 -0.12
CA LEU B 113 18.51 -7.69 -1.22
C LEU B 113 19.35 -8.85 -0.68
N GLY B 114 19.83 -9.68 -1.58
CA GLY B 114 20.73 -10.76 -1.22
C GLY B 114 20.02 -12.05 -0.84
N LYS C 1 1.62 12.03 -26.68
CA LYS C 1 1.89 12.26 -28.09
C LYS C 1 1.93 13.76 -28.35
N ALA C 2 3.08 14.34 -28.02
CA ALA C 2 3.31 15.78 -28.04
C ALA C 2 4.63 16.03 -27.33
N LYS C 3 4.85 15.29 -26.24
CA LYS C 3 6.18 15.11 -25.68
C LYS C 3 7.04 14.41 -26.74
N ALA C 4 7.63 15.21 -27.63
CA ALA C 4 8.29 14.76 -28.85
C ALA C 4 7.28 14.60 -29.97
N CYS C 5 7.64 15.07 -31.16
CA CYS C 5 6.85 15.10 -32.39
C CYS C 5 6.79 16.52 -32.93
N NH2 C 6 5.93 17.35 -32.34
HN1 NH2 C 6 5.35 17.01 -31.58
HN2 NH2 C 6 5.84 18.31 -32.65
N ALA D 1 -1.02 15.39 -8.49
CA ALA D 1 -2.08 14.42 -8.86
C ALA D 1 -3.30 14.53 -7.95
N THR D 2 -4.47 14.20 -8.48
CA THR D 2 -5.67 14.13 -7.67
C THR D 2 -5.46 13.15 -6.51
N GLN D 3 -5.98 13.50 -5.35
CA GLN D 3 -5.93 12.65 -4.18
C GLN D 3 -7.31 12.62 -3.53
N GLY D 4 -7.58 11.53 -2.81
CA GLY D 4 -8.83 11.40 -2.08
C GLY D 4 -10.00 10.94 -2.90
N VAL D 5 -9.78 10.44 -4.11
CA VAL D 5 -10.83 9.92 -4.98
C VAL D 5 -10.57 8.44 -5.20
N PHE D 6 -11.62 7.64 -5.04
CA PHE D 6 -11.51 6.19 -5.13
C PHE D 6 -12.71 5.64 -5.89
N THR D 7 -12.45 4.73 -6.83
CA THR D 7 -13.51 4.00 -7.51
C THR D 7 -13.73 2.68 -6.78
N LEU D 8 -14.84 2.58 -6.09
CA LEU D 8 -15.24 1.33 -5.45
C LEU D 8 -16.09 0.51 -6.42
N PRO D 9 -16.25 -0.79 -6.16
CA PRO D 9 -17.26 -1.54 -6.90
C PRO D 9 -18.62 -0.90 -6.67
N ALA D 10 -19.45 -0.89 -7.71
CA ALA D 10 -20.73 -0.22 -7.64
C ALA D 10 -21.64 -0.90 -6.62
N ASN D 11 -22.52 -0.09 -6.03
CA ASN D 11 -23.59 -0.59 -5.17
C ASN D 11 -23.05 -1.51 -4.08
N THR D 12 -21.98 -1.07 -3.44
CA THR D 12 -21.32 -1.83 -2.39
C THR D 12 -21.28 -1.00 -1.12
N ARG D 13 -21.66 -1.60 0.01
CA ARG D 13 -21.56 -0.92 1.29
C ARG D 13 -20.10 -0.80 1.70
N PHE D 14 -19.74 0.35 2.27
CA PHE D 14 -18.40 0.56 2.78
C PHE D 14 -18.47 1.42 4.03
N GLY D 15 -17.48 1.25 4.90
CA GLY D 15 -17.34 2.06 6.09
C GLY D 15 -16.41 3.23 5.82
N VAL D 16 -16.69 4.35 6.46
CA VAL D 16 -15.81 5.52 6.41
C VAL D 16 -15.68 6.07 7.82
N THR D 17 -14.43 6.24 8.26
CA THR D 17 -14.13 6.65 9.62
C THR D 17 -13.05 7.73 9.56
N ALA D 18 -13.23 8.77 10.38
CA ALA D 18 -12.31 9.90 10.39
C ALA D 18 -11.72 10.07 11.78
N PHE D 19 -10.40 10.30 11.83
CA PHE D 19 -9.67 10.60 13.05
C PHE D 19 -9.09 12.01 12.96
N ALA D 20 -9.02 12.68 14.10
CA ALA D 20 -8.49 14.05 14.17
C ALA D 20 -7.22 14.08 15.01
N ASN D 21 -6.23 14.85 14.54
CA ASN D 21 -4.95 15.03 15.23
C ASN D 21 -4.45 16.44 14.92
N SER D 22 -5.11 17.45 15.50
CA SER D 22 -4.79 18.84 15.17
C SER D 22 -5.53 19.76 16.12
N SER D 23 -4.97 20.96 16.32
CA SER D 23 -5.67 22.01 17.05
C SER D 23 -6.86 22.54 16.27
N GLY D 24 -6.88 22.34 14.95
CA GLY D 24 -7.94 22.88 14.12
C GLY D 24 -9.11 21.90 14.00
N THR D 25 -10.31 22.46 13.97
CA THR D 25 -11.50 21.66 13.74
C THR D 25 -11.48 21.12 12.32
N GLN D 26 -11.62 19.80 12.19
CA GLN D 26 -11.59 19.15 10.90
C GLN D 26 -13.01 18.99 10.36
N THR D 27 -13.22 19.41 9.12
CA THR D 27 -14.48 19.21 8.41
C THR D 27 -14.23 18.20 7.30
N VAL D 28 -14.74 17.00 7.46
CA VAL D 28 -14.54 15.92 6.52
C VAL D 28 -15.83 15.69 5.76
N ASN D 29 -15.78 15.85 4.44
CA ASN D 29 -16.92 15.58 3.57
C ASN D 29 -16.65 14.35 2.73
N VAL D 30 -17.65 13.49 2.61
CA VAL D 30 -17.58 12.28 1.80
C VAL D 30 -18.63 12.40 0.71
N LEU D 31 -18.20 12.42 -0.54
CA LEU D 31 -19.09 12.52 -1.68
C LEU D 31 -19.18 11.16 -2.35
N VAL D 32 -20.40 10.76 -2.68
CA VAL D 32 -20.67 9.56 -3.47
C VAL D 32 -21.33 10.01 -4.76
N ASN D 33 -20.73 9.67 -5.89
CA ASN D 33 -21.22 10.12 -7.19
C ASN D 33 -21.31 11.64 -7.23
N ASN D 34 -20.31 12.31 -6.68
CA ASN D 34 -20.19 13.77 -6.64
C ASN D 34 -21.24 14.43 -5.76
N GLU D 35 -21.94 13.66 -4.91
CA GLU D 35 -22.99 14.18 -4.06
C GLU D 35 -22.65 13.92 -2.61
N THR D 36 -22.80 14.94 -1.77
CA THR D 36 -22.47 14.81 -0.36
C THR D 36 -23.27 13.69 0.27
N ALA D 37 -22.57 12.69 0.82
CA ALA D 37 -23.18 11.55 1.48
C ALA D 37 -22.98 11.56 2.98
N ALA D 38 -21.92 12.19 3.47
CA ALA D 38 -21.65 12.28 4.90
C ALA D 38 -20.72 13.46 5.15
N THR D 39 -20.87 14.06 6.32
CA THR D 39 -20.02 15.18 6.73
C THR D 39 -19.69 15.01 8.21
N PHE D 40 -18.41 15.02 8.54
CA PHE D 40 -17.94 14.90 9.91
C PHE D 40 -17.28 16.19 10.33
N SER D 41 -17.42 16.52 11.62
CA SER D 41 -16.81 17.71 12.18
C SER D 41 -16.32 17.40 13.59
N GLY D 42 -15.05 17.68 13.87
CA GLY D 42 -14.51 17.42 15.18
C GLY D 42 -13.08 17.90 15.29
N GLN D 43 -12.63 18.02 16.54
CA GLN D 43 -11.27 18.42 16.85
C GLN D 43 -10.71 17.48 17.91
N SER D 44 -9.42 17.17 17.78
CA SER D 44 -8.74 16.30 18.72
C SER D 44 -7.25 16.30 18.39
N THR D 45 -6.42 16.12 19.43
CA THR D 45 -5.00 15.89 19.26
C THR D 45 -4.61 14.51 19.78
N ASN D 46 -5.58 13.63 19.98
CA ASN D 46 -5.36 12.28 20.49
C ASN D 46 -6.07 11.23 19.64
N ASN D 47 -6.26 11.52 18.34
CA ASN D 47 -6.76 10.54 17.40
C ASN D 47 -8.22 10.18 17.65
N ALA D 48 -8.99 11.07 18.26
CA ALA D 48 -10.40 10.80 18.49
C ALA D 48 -11.11 10.50 17.18
N VAL D 49 -12.03 9.55 17.22
CA VAL D 49 -12.93 9.29 16.10
C VAL D 49 -13.94 10.44 16.06
N ILE D 50 -13.88 11.26 15.01
CA ILE D 50 -14.84 12.35 14.86
C ILE D 50 -16.05 11.94 14.02
N GLY D 51 -16.00 10.77 13.40
CA GLY D 51 -17.13 10.26 12.65
C GLY D 51 -16.88 8.86 12.13
N THR D 52 -17.91 8.03 12.14
CA THR D 52 -17.86 6.72 11.50
C THR D 52 -19.25 6.41 10.98
N GLN D 53 -19.34 5.92 9.75
CA GLN D 53 -20.63 5.74 9.12
C GLN D 53 -20.52 4.67 8.05
N VAL D 54 -21.63 3.97 7.83
CA VAL D 54 -21.75 3.02 6.73
C VAL D 54 -22.46 3.72 5.58
N LEU D 55 -21.87 3.68 4.40
CA LEU D 55 -22.43 4.27 3.20
C LEU D 55 -22.48 3.23 2.09
N ASN D 56 -23.14 3.60 1.01
CA ASN D 56 -23.22 2.76 -0.19
C ASN D 56 -22.50 3.47 -1.33
N SER D 57 -21.66 2.73 -2.05
CA SER D 57 -20.88 3.31 -3.14
C SER D 57 -21.74 3.76 -4.30
N GLY D 58 -23.01 3.37 -4.35
CA GLY D 58 -23.91 3.84 -5.38
C GLY D 58 -23.58 3.29 -6.75
N SER D 59 -24.39 3.70 -7.73
CA SER D 59 -24.30 3.14 -9.08
C SER D 59 -22.99 3.46 -9.77
N SER D 60 -22.30 4.53 -9.36
CA SER D 60 -21.04 4.91 -9.98
C SER D 60 -19.83 4.33 -9.27
N GLY D 61 -19.93 4.09 -7.97
CA GLY D 61 -18.80 3.63 -7.19
C GLY D 61 -17.79 4.71 -6.83
N LYS D 62 -17.97 5.93 -7.31
CA LYS D 62 -17.00 6.99 -7.10
C LYS D 62 -17.18 7.59 -5.70
N VAL D 63 -16.13 7.53 -4.88
CA VAL D 63 -16.13 8.11 -3.55
C VAL D 63 -15.00 9.12 -3.48
N GLN D 64 -15.30 10.31 -2.98
CA GLN D 64 -14.30 11.36 -2.82
C GLN D 64 -14.35 11.91 -1.41
N VAL D 65 -13.17 12.05 -0.81
CA VAL D 65 -13.02 12.61 0.53
C VAL D 65 -12.42 14.00 0.37
N GLN D 66 -13.03 14.98 1.03
CA GLN D 66 -12.52 16.34 1.07
C GLN D 66 -12.36 16.76 2.53
N VAL D 67 -11.30 17.50 2.82
CA VAL D 67 -11.02 17.97 4.17
C VAL D 67 -10.74 19.46 4.12
N SER D 68 -11.36 20.21 5.02
CA SER D 68 -11.10 21.63 5.15
C SER D 68 -11.00 21.98 6.63
N VAL D 69 -10.23 23.01 6.92
CA VAL D 69 -10.08 23.55 8.27
C VAL D 69 -10.28 25.05 8.18
N ASN D 70 -11.26 25.56 8.92
CA ASN D 70 -11.58 26.99 8.91
C ASN D 70 -11.86 27.47 7.48
N GLY D 71 -12.54 26.63 6.70
CA GLY D 71 -12.89 26.99 5.34
C GLY D 71 -11.78 26.89 4.33
N ARG D 72 -10.60 26.39 4.72
CA ARG D 72 -9.47 26.25 3.82
C ARG D 72 -9.21 24.79 3.52
N PRO D 73 -9.18 24.38 2.24
CA PRO D 73 -8.93 22.96 1.94
C PRO D 73 -7.56 22.52 2.40
N SER D 74 -7.50 21.33 3.02
CA SER D 74 -6.24 20.73 3.41
C SER D 74 -5.61 20.01 2.24
N ASP D 75 -4.28 19.86 2.28
CA ASP D 75 -3.56 19.07 1.30
C ASP D 75 -3.72 17.60 1.62
N LEU D 76 -4.14 16.82 0.62
CA LEU D 76 -4.48 15.42 0.82
C LEU D 76 -3.41 14.51 0.22
N VAL D 77 -3.21 13.37 0.88
CA VAL D 77 -2.44 12.26 0.35
C VAL D 77 -3.30 11.01 0.52
N SER D 78 -3.25 10.11 -0.46
CA SER D 78 -4.15 8.97 -0.44
C SER D 78 -3.55 7.80 -1.19
N ALA D 79 -4.10 6.61 -0.92
CA ALA D 79 -3.76 5.39 -1.62
C ALA D 79 -4.80 4.33 -1.27
N GLN D 80 -4.92 3.34 -2.15
CA GLN D 80 -5.79 2.20 -1.91
C GLN D 80 -4.92 0.95 -1.81
N VAL D 81 -5.30 0.05 -0.91
CA VAL D 81 -4.53 -1.16 -0.62
C VAL D 81 -5.48 -2.33 -0.49
N ILE D 82 -5.13 -3.45 -1.14
CA ILE D 82 -5.97 -4.63 -1.17
C ILE D 82 -5.16 -5.81 -0.64
N LEU D 83 -5.71 -6.49 0.37
CA LEU D 83 -5.08 -7.65 0.98
C LEU D 83 -5.82 -8.92 0.58
N THR D 84 -5.05 -9.96 0.29
CA THR D 84 -5.55 -11.25 -0.19
C THR D 84 -6.67 -11.06 -1.21
N ASN D 85 -6.54 -10.07 -2.08
CA ASN D 85 -7.43 -9.84 -3.21
C ASN D 85 -8.89 -9.69 -2.81
N GLU D 86 -9.16 -9.40 -1.52
CA GLU D 86 -10.52 -9.32 -1.02
C GLU D 86 -10.77 -8.10 -0.13
N LEU D 87 -9.85 -7.75 0.75
CA LEU D 87 -10.05 -6.72 1.76
C LEU D 87 -9.43 -5.41 1.28
N ASN D 88 -10.26 -4.38 1.17
CA ASN D 88 -9.87 -3.11 0.56
C ASN D 88 -9.79 -2.02 1.61
N PHE D 89 -8.70 -1.26 1.58
CA PHE D 89 -8.55 -0.05 2.37
C PHE D 89 -8.30 1.12 1.43
N ALA D 90 -9.09 2.18 1.56
CA ALA D 90 -8.82 3.45 0.90
C ALA D 90 -8.44 4.44 2.00
N LEU D 91 -7.23 4.99 1.90
CA LEU D 91 -6.61 5.73 2.99
C LEU D 91 -6.36 7.17 2.58
N VAL D 92 -6.68 8.09 3.48
CA VAL D 92 -6.47 9.52 3.24
C VAL D 92 -5.77 10.14 4.44
N GLY D 93 -4.73 10.91 4.17
CA GLY D 93 -4.13 11.80 5.15
C GLY D 93 -4.31 13.23 4.72
N SER D 94 -4.20 14.19 5.64
CA SER D 94 -4.42 15.59 5.29
C SER D 94 -3.58 16.49 6.18
N GLU D 95 -3.08 17.57 5.59
CA GLU D 95 -2.25 18.55 6.29
C GLU D 95 -2.95 19.89 6.23
N ASP D 96 -3.24 20.46 7.40
CA ASP D 96 -3.92 21.74 7.49
C ASP D 96 -2.97 22.89 7.78
N GLY D 97 -1.69 22.62 8.02
CA GLY D 97 -0.74 23.65 8.35
C GLY D 97 0.60 23.49 7.65
N THR D 98 1.70 23.56 8.42
CA THR D 98 3.04 23.55 7.83
C THR D 98 3.99 22.56 8.47
N ASP D 99 3.56 21.74 9.42
CA ASP D 99 4.46 20.75 10.01
C ASP D 99 4.50 19.45 9.22
N ASN D 100 3.51 19.22 8.35
CA ASN D 100 3.56 18.13 7.38
C ASN D 100 3.63 16.76 8.04
N ASP D 101 2.83 16.57 9.10
CA ASP D 101 2.61 15.23 9.61
C ASP D 101 1.42 14.54 8.94
N TYR D 102 0.57 15.30 8.24
CA TYR D 102 -0.48 14.75 7.39
C TYR D 102 -1.38 13.78 8.15
N ASN D 103 -1.54 14.01 9.45
CA ASN D 103 -2.47 13.25 10.28
C ASN D 103 -3.61 14.10 10.80
N ASP D 104 -3.68 15.37 10.39
CA ASP D 104 -4.61 16.30 11.02
C ASP D 104 -6.04 15.79 10.91
N ALA D 105 -6.41 15.26 9.75
CA ALA D 105 -7.59 14.42 9.60
C ALA D 105 -7.15 13.18 8.85
N VAL D 106 -7.36 12.01 9.45
CA VAL D 106 -7.07 10.73 8.84
C VAL D 106 -8.40 10.03 8.56
N VAL D 107 -8.61 9.64 7.31
CA VAL D 107 -9.86 9.00 6.89
C VAL D 107 -9.53 7.61 6.37
N VAL D 108 -10.25 6.62 6.89
CA VAL D 108 -10.09 5.23 6.46
C VAL D 108 -11.44 4.77 5.92
N ILE D 109 -11.44 4.35 4.66
CA ILE D 109 -12.58 3.69 4.03
C ILE D 109 -12.22 2.21 3.90
N ASN D 110 -13.14 1.34 4.30
CA ASN D 110 -12.90 -0.10 4.22
C ASN D 110 -14.12 -0.80 3.66
N TRP D 111 -13.87 -1.83 2.85
CA TRP D 111 -14.92 -2.67 2.30
C TRP D 111 -14.29 -3.98 1.87
N PRO D 112 -15.08 -5.05 1.71
CA PRO D 112 -16.54 -5.11 1.91
C PRO D 112 -16.94 -5.20 3.39
N LEU D 113 -18.23 -5.08 3.67
CA LEU D 113 -18.76 -5.21 5.02
C LEU D 113 -19.59 -6.48 5.13
N GLY D 114 -20.07 -6.74 6.34
CA GLY D 114 -20.95 -7.87 6.59
C GLY D 114 -20.23 -9.17 6.86
N LYS E 1 -0.88 24.74 15.56
CA LYS E 1 -1.36 25.35 16.79
C LYS E 1 -2.12 26.65 16.51
N ALA E 2 -1.71 27.38 15.47
CA ALA E 2 -2.42 28.61 15.12
C ALA E 2 -3.81 28.34 14.57
N LYS E 3 -4.08 27.10 14.14
CA LYS E 3 -5.43 26.72 13.74
C LYS E 3 -6.44 26.91 14.86
N ALA E 4 -5.99 26.89 16.11
CA ALA E 4 -6.90 27.02 17.25
C ALA E 4 -7.63 28.36 17.26
N CYS E 5 -7.14 29.35 16.52
CA CYS E 5 -7.70 30.70 16.56
C CYS E 5 -8.43 31.08 15.28
N NH2 E 6 -8.95 30.08 14.57
HN1 NH2 E 6 -8.83 29.12 14.89
HN2 NH2 E 6 -9.45 30.27 13.71
N ALA F 1 -4.11 -17.14 4.48
CA ALA F 1 -4.85 -16.54 3.34
C ALA F 1 -4.10 -16.76 2.02
N THR F 2 -4.86 -16.88 0.94
CA THR F 2 -4.26 -17.00 -0.38
C THR F 2 -3.41 -15.77 -0.69
N GLN F 3 -2.31 -15.98 -1.39
CA GLN F 3 -1.41 -14.91 -1.77
C GLN F 3 -1.01 -15.09 -3.23
N GLY F 4 -0.65 -13.97 -3.87
CA GLY F 4 -0.22 -13.99 -5.25
C GLY F 4 -1.34 -14.04 -6.27
N VAL F 5 -2.59 -13.86 -5.85
CA VAL F 5 -3.74 -13.87 -6.74
C VAL F 5 -4.29 -12.46 -6.81
N PHE F 6 -4.50 -11.97 -8.03
CA PHE F 6 -5.00 -10.62 -8.24
C PHE F 6 -6.07 -10.63 -9.32
N THR F 7 -7.12 -9.85 -9.10
CA THR F 7 -8.15 -9.60 -10.10
C THR F 7 -7.83 -8.27 -10.77
N LEU F 8 -7.39 -8.32 -12.02
CA LEU F 8 -7.18 -7.11 -12.80
C LEU F 8 -8.46 -6.75 -13.54
N PRO F 9 -8.55 -5.51 -14.04
CA PRO F 9 -9.60 -5.21 -15.02
C PRO F 9 -9.45 -6.14 -16.22
N ALA F 10 -10.59 -6.58 -16.76
CA ALA F 10 -10.56 -7.53 -17.85
C ALA F 10 -9.94 -6.90 -19.10
N ASN F 11 -9.34 -7.75 -19.94
CA ASN F 11 -8.84 -7.34 -21.24
C ASN F 11 -7.91 -6.15 -21.13
N THR F 12 -7.04 -6.19 -20.12
CA THR F 12 -6.12 -5.11 -19.82
C THR F 12 -4.69 -5.61 -19.97
N ARG F 13 -3.89 -4.83 -20.68
CA ARG F 13 -2.47 -5.13 -20.83
C ARG F 13 -1.71 -4.75 -19.57
N PHE F 14 -0.82 -5.63 -19.12
CA PHE F 14 -0.06 -5.38 -17.90
C PHE F 14 1.35 -5.93 -18.04
N GLY F 15 2.27 -5.35 -17.27
CA GLY F 15 3.64 -5.82 -17.21
C GLY F 15 3.86 -6.68 -15.97
N VAL F 16 4.72 -7.70 -16.13
CA VAL F 16 5.13 -8.55 -15.02
C VAL F 16 6.64 -8.71 -15.09
N THR F 17 7.30 -8.52 -13.94
CA THR F 17 8.75 -8.53 -13.86
C THR F 17 9.18 -9.24 -12.58
N ALA F 18 10.20 -10.08 -12.69
CA ALA F 18 10.67 -10.86 -11.56
C ALA F 18 12.14 -10.57 -11.28
N PHE F 19 12.45 -10.41 -10.00
CA PHE F 19 13.82 -10.20 -9.52
C PHE F 19 14.20 -11.37 -8.62
N ALA F 20 15.49 -11.69 -8.60
CA ALA F 20 15.99 -12.84 -7.85
C ALA F 20 17.06 -12.39 -6.86
N ASN F 21 16.94 -12.88 -5.61
CA ASN F 21 17.86 -12.56 -4.51
C ASN F 21 18.04 -13.84 -3.70
N SER F 22 18.72 -14.82 -4.30
CA SER F 22 18.85 -16.13 -3.67
C SER F 22 19.88 -16.95 -4.44
N SER F 23 20.50 -17.90 -3.73
CA SER F 23 21.37 -18.86 -4.38
C SER F 23 20.58 -19.93 -5.12
N GLY F 24 19.29 -20.06 -4.83
CA GLY F 24 18.46 -21.03 -5.54
C GLY F 24 17.93 -20.45 -6.84
N THR F 25 17.85 -21.31 -7.85
CA THR F 25 17.23 -20.93 -9.11
C THR F 25 15.73 -20.78 -8.91
N GLN F 26 15.20 -19.61 -9.25
CA GLN F 26 13.80 -19.31 -9.04
C GLN F 26 13.02 -19.61 -10.32
N THR F 27 11.88 -20.30 -10.15
CA THR F 27 10.94 -20.53 -11.24
C THR F 27 9.65 -19.79 -10.91
N VAL F 28 9.33 -18.78 -11.71
CA VAL F 28 8.13 -17.98 -11.52
C VAL F 28 7.17 -18.30 -12.64
N ASN F 29 5.95 -18.69 -12.29
CA ASN F 29 4.88 -18.93 -13.24
C ASN F 29 3.81 -17.85 -13.09
N VAL F 30 3.38 -17.29 -14.22
CA VAL F 30 2.34 -16.27 -14.25
C VAL F 30 1.14 -16.88 -14.96
N LEU F 31 0.06 -17.10 -14.21
CA LEU F 31 -1.16 -17.70 -14.74
C LEU F 31 -2.19 -16.62 -15.03
N VAL F 32 -2.82 -16.70 -16.18
CA VAL F 32 -3.95 -15.85 -16.53
C VAL F 32 -5.15 -16.76 -16.77
N ASN F 33 -6.22 -16.53 -16.01
CA ASN F 33 -7.40 -17.38 -16.08
C ASN F 33 -7.03 -18.85 -15.89
N ASN F 34 -6.14 -19.11 -14.92
CA ASN F 34 -5.74 -20.45 -14.53
C ASN F 34 -4.92 -21.17 -15.59
N GLU F 35 -4.41 -20.45 -16.59
CA GLU F 35 -3.55 -21.02 -17.62
C GLU F 35 -2.23 -20.27 -17.62
N THR F 36 -1.12 -21.03 -17.68
CA THR F 36 0.20 -20.41 -17.66
C THR F 36 0.37 -19.48 -18.85
N ALA F 37 0.63 -18.21 -18.56
CA ALA F 37 0.86 -17.22 -19.60
C ALA F 37 2.31 -16.80 -19.75
N ALA F 38 3.13 -16.99 -18.71
CA ALA F 38 4.54 -16.69 -18.80
C ALA F 38 5.27 -17.47 -17.71
N THR F 39 6.52 -17.82 -18.00
CA THR F 39 7.37 -18.54 -17.05
C THR F 39 8.76 -17.93 -17.09
N PHE F 40 9.26 -17.51 -15.93
CA PHE F 40 10.60 -16.96 -15.78
C PHE F 40 11.44 -17.92 -14.96
N SER F 41 12.72 -18.05 -15.33
CA SER F 41 13.66 -18.89 -14.60
C SER F 41 15.02 -18.21 -14.60
N GLY F 42 15.63 -18.11 -13.43
CA GLY F 42 16.92 -17.46 -13.31
C GLY F 42 17.45 -17.57 -11.90
N GLN F 43 18.72 -17.22 -11.75
CA GLN F 43 19.38 -17.24 -10.45
C GLN F 43 20.20 -15.96 -10.30
N SER F 44 20.06 -15.32 -9.14
CA SER F 44 20.81 -14.11 -8.85
C SER F 44 20.71 -13.83 -7.36
N THR F 45 21.79 -13.32 -6.78
CA THR F 45 21.78 -12.79 -5.42
C THR F 45 21.95 -11.28 -5.41
N ASN F 46 21.77 -10.62 -6.56
CA ASN F 46 21.97 -9.18 -6.67
C ASN F 46 20.77 -8.52 -7.34
N ASN F 47 19.58 -9.09 -7.16
CA ASN F 47 18.34 -8.47 -7.62
C ASN F 47 18.25 -8.38 -9.14
N ALA F 48 18.93 -9.28 -9.85
CA ALA F 48 18.88 -9.26 -11.31
C ALA F 48 17.46 -9.57 -11.80
N VAL F 49 17.06 -8.87 -12.85
CA VAL F 49 15.80 -9.16 -13.53
C VAL F 49 15.96 -10.51 -14.23
N ILE F 50 15.21 -11.52 -13.78
CA ILE F 50 15.25 -12.83 -14.43
C ILE F 50 14.17 -12.97 -15.49
N GLY F 51 13.24 -12.02 -15.58
CA GLY F 51 12.23 -12.04 -16.62
C GLY F 51 11.33 -10.83 -16.57
N THR F 52 10.94 -10.34 -17.74
CA THR F 52 9.94 -9.28 -17.82
C THR F 52 9.15 -9.50 -19.09
N GLN F 53 7.84 -9.23 -19.03
CA GLN F 53 6.96 -9.53 -20.14
C GLN F 53 5.68 -8.72 -20.01
N VAL F 54 5.04 -8.49 -21.16
CA VAL F 54 3.74 -7.83 -21.24
C VAL F 54 2.71 -8.90 -21.55
N LEU F 55 1.64 -8.94 -20.76
CA LEU F 55 0.57 -9.92 -20.91
C LEU F 55 -0.76 -9.19 -20.97
N ASN F 56 -1.81 -9.95 -21.31
CA ASN F 56 -3.17 -9.45 -21.33
C ASN F 56 -3.98 -10.19 -20.29
N SER F 57 -4.76 -9.44 -19.50
CA SER F 57 -5.52 -10.03 -18.41
C SER F 57 -6.68 -10.89 -18.88
N GLY F 58 -7.06 -10.81 -20.14
CA GLY F 58 -8.11 -11.67 -20.65
C GLY F 58 -9.49 -11.29 -20.14
N SER F 59 -10.43 -12.20 -20.38
CA SER F 59 -11.83 -11.93 -20.06
C SER F 59 -12.12 -12.03 -18.57
N SER F 60 -11.38 -12.87 -17.84
CA SER F 60 -11.62 -13.04 -16.41
C SER F 60 -10.87 -12.03 -15.56
N GLY F 61 -9.72 -11.54 -16.04
CA GLY F 61 -8.91 -10.63 -15.27
C GLY F 61 -8.12 -11.27 -14.15
N LYS F 62 -8.23 -12.58 -13.96
CA LYS F 62 -7.57 -13.26 -12.86
C LYS F 62 -6.11 -13.53 -13.22
N VAL F 63 -5.20 -13.03 -12.39
CA VAL F 63 -3.76 -13.26 -12.54
C VAL F 63 -3.25 -13.88 -11.26
N GLN F 64 -2.46 -14.94 -11.40
CA GLN F 64 -1.85 -15.60 -10.26
C GLN F 64 -0.36 -15.79 -10.50
N VAL F 65 0.43 -15.49 -9.48
CA VAL F 65 1.88 -15.67 -9.51
C VAL F 65 2.22 -16.86 -8.63
N GLN F 66 3.05 -17.76 -9.15
CA GLN F 66 3.54 -18.90 -8.40
C GLN F 66 5.06 -18.91 -8.46
N VAL F 67 5.70 -19.28 -7.35
CA VAL F 67 7.15 -19.35 -7.27
C VAL F 67 7.54 -20.67 -6.65
N SER F 68 8.56 -21.31 -7.21
CA SER F 68 9.06 -22.56 -6.67
C SER F 68 10.55 -22.68 -6.97
N VAL F 69 11.24 -23.47 -6.13
CA VAL F 69 12.65 -23.76 -6.28
C VAL F 69 12.81 -25.27 -6.19
N ASN F 70 13.35 -25.88 -7.24
CA ASN F 70 13.52 -27.33 -7.29
C ASN F 70 12.22 -28.04 -6.93
N GLY F 71 11.11 -27.55 -7.50
CA GLY F 71 9.81 -28.14 -7.28
C GLY F 71 9.16 -27.79 -5.96
N ARG F 72 9.82 -27.00 -5.11
CA ARG F 72 9.30 -26.67 -3.79
C ARG F 72 8.68 -25.29 -3.83
N PRO F 73 7.36 -25.16 -3.69
CA PRO F 73 6.74 -23.82 -3.69
C PRO F 73 7.30 -22.95 -2.57
N SER F 74 7.59 -21.71 -2.90
CA SER F 74 8.01 -20.73 -1.90
C SER F 74 6.79 -20.18 -1.16
N ASP F 75 7.02 -19.62 0.02
CA ASP F 75 5.96 -18.97 0.77
C ASP F 75 5.79 -17.56 0.27
N LEU F 76 4.57 -17.21 -0.15
CA LEU F 76 4.30 -15.95 -0.82
C LEU F 76 3.68 -14.95 0.14
N VAL F 77 4.04 -13.68 -0.05
CA VAL F 77 3.32 -12.55 0.52
C VAL F 77 3.00 -11.60 -0.63
N SER F 78 1.88 -10.91 -0.53
CA SER F 78 1.45 -10.09 -1.65
C SER F 78 0.48 -9.02 -1.19
N ALA F 79 0.32 -8.01 -2.04
CA ALA F 79 -0.66 -6.94 -1.84
C ALA F 79 -0.76 -6.16 -3.12
N GLN F 80 -1.87 -5.44 -3.27
CA GLN F 80 -2.11 -4.56 -4.41
C GLN F 80 -2.21 -3.14 -3.91
N VAL F 81 -1.61 -2.21 -4.64
CA VAL F 81 -1.57 -0.80 -4.26
C VAL F 81 -1.97 0.03 -5.47
N ILE F 82 -2.86 0.99 -5.25
CA ILE F 82 -3.34 1.87 -6.31
C ILE F 82 -3.01 3.30 -5.90
N LEU F 83 -2.33 4.02 -6.80
CA LEU F 83 -1.99 5.42 -6.57
C LEU F 83 -2.82 6.30 -7.49
N THR F 84 -3.26 7.44 -6.95
CA THR F 84 -4.16 8.39 -7.62
C THR F 84 -5.27 7.68 -8.39
N ASN F 85 -5.78 6.58 -7.84
CA ASN F 85 -6.96 5.89 -8.37
C ASN F 85 -6.78 5.48 -9.83
N GLU F 86 -5.53 5.23 -10.23
CA GLU F 86 -5.21 4.97 -11.63
C GLU F 86 -4.06 3.98 -11.78
N LEU F 87 -2.96 4.24 -11.08
CA LEU F 87 -1.74 3.45 -11.25
C LEU F 87 -1.76 2.28 -10.25
N ASN F 88 -1.65 1.06 -10.78
CA ASN F 88 -1.79 -0.15 -9.99
C ASN F 88 -0.47 -0.91 -9.90
N PHE F 89 -0.16 -1.38 -8.69
CA PHE F 89 0.95 -2.28 -8.45
C PHE F 89 0.43 -3.52 -7.74
N ALA F 90 0.69 -4.69 -8.30
CA ALA F 90 0.46 -5.95 -7.62
C ALA F 90 1.81 -6.57 -7.30
N LEU F 91 2.07 -6.78 -6.02
CA LEU F 91 3.42 -7.07 -5.51
C LEU F 91 3.44 -8.45 -4.87
N VAL F 92 4.51 -9.19 -5.14
CA VAL F 92 4.69 -10.52 -4.56
C VAL F 92 6.12 -10.63 -4.03
N GLY F 93 6.23 -11.07 -2.78
CA GLY F 93 7.48 -11.50 -2.21
C GLY F 93 7.45 -12.99 -1.98
N SER F 94 8.61 -13.64 -1.89
CA SER F 94 8.64 -15.08 -1.74
C SER F 94 9.86 -15.49 -0.93
N GLU F 95 9.70 -16.52 -0.12
CA GLU F 95 10.76 -17.08 0.70
C GLU F 95 10.96 -18.53 0.30
N ASP F 96 12.17 -18.88 -0.10
CA ASP F 96 12.48 -20.23 -0.55
C ASP F 96 13.32 -21.02 0.45
N GLY F 97 13.70 -20.41 1.57
CA GLY F 97 14.59 -21.05 2.51
C GLY F 97 14.18 -20.89 3.96
N THR F 98 15.07 -20.37 4.80
CA THR F 98 14.86 -20.32 6.23
C THR F 98 15.09 -18.95 6.85
N ASP F 99 15.66 -17.99 6.13
CA ASP F 99 16.02 -16.71 6.73
C ASP F 99 14.88 -15.69 6.69
N ASN F 100 13.79 -16.00 5.97
CA ASN F 100 12.58 -15.17 5.98
C ASN F 100 12.86 -13.73 5.57
N ASP F 101 13.72 -13.54 4.56
CA ASP F 101 13.83 -12.23 3.94
C ASP F 101 12.83 -12.02 2.82
N TYR F 102 12.17 -13.09 2.36
CA TYR F 102 11.02 -13.01 1.45
C TYR F 102 11.33 -12.20 0.19
N ASN F 103 12.61 -12.14 -0.18
CA ASN F 103 13.05 -11.45 -1.39
C ASN F 103 13.60 -12.40 -2.44
N ASP F 104 13.54 -13.71 -2.19
CA ASP F 104 14.25 -14.67 -3.04
C ASP F 104 13.77 -14.59 -4.48
N ALA F 105 12.45 -14.47 -4.67
CA ALA F 105 11.89 -14.02 -5.94
C ALA F 105 10.92 -12.89 -5.61
N VAL F 106 11.16 -11.72 -6.20
CA VAL F 106 10.28 -10.57 -6.07
C VAL F 106 9.63 -10.33 -7.43
N VAL F 107 8.30 -10.21 -7.43
CA VAL F 107 7.54 -10.08 -8.66
C VAL F 107 6.71 -8.81 -8.58
N VAL F 108 6.81 -7.97 -9.61
CA VAL F 108 6.07 -6.72 -9.70
C VAL F 108 5.18 -6.79 -10.94
N ILE F 109 3.88 -6.63 -10.72
CA ILE F 109 2.91 -6.49 -11.81
C ILE F 109 2.40 -5.06 -11.78
N ASN F 110 2.44 -4.39 -12.92
CA ASN F 110 2.01 -3.00 -12.99
C ASN F 110 1.13 -2.77 -14.21
N TRP F 111 0.17 -1.86 -14.05
CA TRP F 111 -0.70 -1.44 -15.12
C TRP F 111 -1.38 -0.14 -14.71
N PRO F 112 -1.88 0.66 -15.65
CA PRO F 112 -1.91 0.41 -17.10
C PRO F 112 -0.56 0.66 -17.78
N LEU F 113 -0.43 0.16 -19.01
CA LEU F 113 0.74 0.40 -19.83
C LEU F 113 0.38 1.38 -20.94
N GLY F 114 1.39 1.79 -21.69
CA GLY F 114 1.18 2.64 -22.85
C GLY F 114 1.24 4.12 -22.56
N LYS G 1 21.41 -20.83 0.81
CA LYS G 1 22.35 -21.80 0.25
C LYS G 1 21.92 -23.21 0.60
N ALA G 2 22.02 -24.11 -0.37
CA ALA G 2 21.63 -25.51 -0.17
C ALA G 2 22.85 -26.38 0.05
N LYS H 1 -22.05 -17.32 9.78
CA LYS H 1 -23.02 -18.04 10.60
C LYS H 1 -22.50 -19.42 10.97
CA CA I . -15.59 -14.19 7.06
CA CA J . -17.48 -11.14 7.35
CA CA K . -1.26 16.92 13.33
CA CA L . 0.85 10.18 -19.20
CA CA M . 1.67 6.76 -20.49
CA CA N . 17.22 -13.91 -0.25
C1 ZDC O . 1.67 8.77 -24.73
C1M ZDC O . 2.01 7.67 -25.72
C2 ZDC O . 1.00 8.20 -23.45
C3 ZDC O . 0.80 9.36 -22.49
C4 ZDC O . 2.09 10.10 -22.20
C5 ZDC O . 2.55 10.65 -23.55
C6 ZDC O . 2.09 11.95 -24.12
C7 ZDC O . 2.51 12.22 -25.57
O2 ZDC O . 1.90 7.28 -22.79
O3 ZDC O . 0.37 8.81 -21.22
O4 ZDC O . 1.80 11.15 -21.24
O5 ZDC O . 2.87 9.53 -24.40
O7A ZDC O . 3.64 12.59 -25.67
H1 ZDC O . 1.02 9.38 -25.13
H1M1 ZDC O . 1.33 6.98 -25.70
H1M2 ZDC O . 2.86 7.27 -25.49
H1M3 ZDC O . 2.06 8.04 -26.61
H2 ZDC O . 0.17 7.76 -23.67
H2O ZDC O . 1.91 6.55 -23.23
H3 ZDC O . 0.18 9.98 -22.88
H3O ZDC O . 1.04 8.53 -20.79
H4 ZDC O . 2.78 9.52 -21.85
H4O ZDC O . 2.53 11.53 -21.01
H61 ZDC O . 2.46 12.66 -23.56
H62 ZDC O . 1.12 11.92 -24.11
CA CA P . -0.26 19.04 10.48
C1 ZDC Q . -1.03 20.87 15.85
C1M ZDC Q . -1.46 20.47 17.26
C2 ZDC Q . -0.45 19.64 15.09
C3 ZDC Q . -0.22 20.06 13.64
C4 ZDC Q . -1.46 20.63 13.01
C5 ZDC Q . -1.83 21.86 13.82
C6 ZDC Q . -1.31 23.23 13.53
C7 ZDC Q . -1.59 24.24 14.64
O2 ZDC Q . -1.44 18.59 15.05
O3 ZDC Q . 0.12 18.87 12.91
O4 ZDC Q . -1.18 20.96 11.63
O5 ZDC Q . -2.17 21.45 15.15
O7A ZDC Q . -2.77 24.42 14.84
H1 ZDC Q . -0.34 21.53 15.89
H1M1 ZDC Q . -1.04 19.63 17.50
H1M2 ZDC Q . -2.42 20.36 17.29
H1M3 ZDC Q . -1.19 21.16 17.89
H2 ZDC Q . 0.36 19.34 15.53
H2O ZDC Q . -1.56 18.28 15.84
H3 ZDC Q . 0.47 20.75 13.63
H3O ZDC Q . -0.55 18.62 12.45
H4 ZDC Q . -2.21 20.00 13.03
H4O ZDC Q . -1.91 21.00 11.18
H61 ZDC Q . -1.73 23.54 12.72
H62 ZDC Q . -0.34 23.15 13.47
CA CA R . 15.20 -16.22 1.79
C1 ZDC S . 20.70 -17.02 0.11
C1M ZDC S . 21.86 -16.44 -0.68
C2 ZDC S . 19.78 -15.90 0.67
C3 ZDC S . 18.55 -16.56 1.27
C4 ZDC S . 17.87 -17.53 0.33
C5 ZDC S . 18.89 -18.60 -0.03
C6 ZDC S . 19.06 -19.86 0.73
C7 ZDC S . 20.17 -20.81 0.24
O2 ZDC S . 19.29 -15.08 -0.40
O3 ZDC S . 17.59 -15.52 1.52
O4 ZDC S . 16.74 -18.11 1.02
O5 ZDC S . 19.97 -17.96 -0.74
O7A ZDC S . 19.83 -21.53 -0.66
H1 ZDC S . 21.04 -17.51 0.89
H1M1 ZDC S . 22.10 -15.56 -0.32
H1M2 ZDC S . 21.60 -16.34 -1.60
H1M3 ZDC S . 22.63 -17.03 -0.61
H2 ZDC S . 20.26 -15.36 1.32
H2O ZDC S . 19.93 -14.67 -0.76
H3 ZDC S . 18.82 -17.04 2.07
H3O ZDC S . 17.87 -15.01 2.14
H4 ZDC S . 17.57 -17.08 -0.48
H4O ZDC S . 16.17 -18.36 0.44
H61 ZDC S . 18.22 -20.35 0.68
H62 ZDC S . 19.30 -19.61 1.63
C1 ZDC T . -21.05 -13.92 8.63
C1M ZDC T . -22.24 -12.99 8.89
C2 ZDC T . -20.07 -13.29 7.59
C3 ZDC T . -18.83 -14.17 7.53
C4 ZDC T . -18.24 -14.51 8.86
C5 ZDC T . -19.33 -15.20 9.66
C6 ZDC T . -19.63 -16.66 9.60
C7 ZDC T . -20.81 -17.12 10.46
O2 ZDC T . -19.62 -12.00 8.05
O3 ZDC T . -17.83 -13.42 6.83
O4 ZDC T . -17.09 -15.37 8.65
O5 ZDC T . -20.38 -14.24 9.88
O7A ZDC T . -20.51 -17.48 11.56
H1 ZDC T . -21.37 -14.74 8.23
H1M1 ZDC T . -22.75 -12.89 8.07
H1M2 ZDC T . -21.92 -12.13 9.18
H1M3 ZDC T . -22.80 -13.37 9.58
H2 ZDC T . -20.51 -13.21 6.73
H2O ZDC T . -19.04 -12.10 8.66
H3 ZDC T . -19.07 -15.00 7.08
H3O ZDC T . -17.99 -13.43 5.99
H4 ZDC T . -17.94 -13.72 9.35
H4O ZDC T . -17.30 -15.99 8.09
H61 ZDC T . -18.84 -17.14 9.90
H62 ZDC T . -19.87 -16.85 8.68
#